data_3NH8
#
_entry.id   3NH8
#
_cell.length_a   93.407
_cell.length_b   93.407
_cell.length_c   97.637
_cell.angle_alpha   90.00
_cell.angle_beta   90.00
_cell.angle_gamma   120.00
#
_symmetry.space_group_name_H-M   'P 62'
#
loop_
_entity.id
_entity.type
_entity.pdbx_description
1 polymer Aspartoacylase-2
2 non-polymer 'ZINC ION'
3 non-polymer 'CHLORIDE ION'
4 non-polymer N-acetyl-S-[(1S)-1,2-dichloroethyl]-L-cysteine
5 water water
#
_entity_poly.entity_id   1
_entity_poly.type   'polypeptide(L)'
_entity_poly.pdbx_seq_one_letter_code
;MWSHPQFEKMSSLPGSREPLLRVAVTGGTHGNEMCGVYLARYWLQNPGELQRPSFSAMPVLANPAATAACCRYLDRDLNR
SCTLTFLGSTATPDDPYEVKRARELNQLLGPKGTGQAFDFTLDLHNTTANTGVCLISESNISFNLHLCHYLQRQNPGMPC
RLFLYEPAGTETFSVESISKNGICLAMGPQPQGVLRADLFSRMRALVASILDFIELFNQGMDLPAFEMDIYRNLGSVDFP
RTADGDLAGTVHPQLQDHDFEPLRPGEPIFKLFSGEDVLYEGDSIVYPVFINEAAYYEKHVAFLKSEKIRVTVPALLRLT
PRSTQTP
;
_entity_poly.pdbx_strand_id   A
#
# COMPACT_ATOMS: atom_id res chain seq x y z
N SER A 16 0.33 26.77 12.62
CA SER A 16 0.59 27.06 11.20
C SER A 16 1.28 25.92 10.42
N ARG A 17 0.82 25.73 9.18
CA ARG A 17 1.22 24.60 8.34
C ARG A 17 2.73 24.44 8.10
N GLU A 18 3.21 23.23 8.37
CA GLU A 18 4.59 22.87 8.05
C GLU A 18 4.68 22.20 6.66
N PRO A 19 5.54 22.72 5.80
CA PRO A 19 5.66 22.20 4.44
C PRO A 19 6.31 20.84 4.49
N LEU A 20 6.01 19.96 3.54
CA LEU A 20 6.73 18.69 3.44
C LEU A 20 7.86 18.82 2.43
N LEU A 21 9.07 18.62 2.92
CA LEU A 21 10.25 19.02 2.19
C LEU A 21 11.17 17.84 1.97
N ARG A 22 11.22 16.93 2.93
CA ARG A 22 11.97 15.69 2.73
C ARG A 22 10.95 14.65 2.35
N VAL A 23 10.85 14.38 1.06
CA VAL A 23 9.86 13.46 0.54
C VAL A 23 10.48 12.34 -0.31
N ALA A 24 10.13 11.10 0.01
CA ALA A 24 10.65 9.95 -0.76
C ALA A 24 9.58 9.17 -1.56
N VAL A 25 10.00 8.60 -2.68
CA VAL A 25 9.19 7.62 -3.40
C VAL A 25 9.98 6.33 -3.52
N THR A 26 9.54 5.29 -2.82
CA THR A 26 10.20 4.00 -2.85
C THR A 26 9.51 3.04 -3.82
N GLY A 27 10.28 2.42 -4.70
CA GLY A 27 9.77 1.36 -5.54
C GLY A 27 10.59 0.15 -5.22
N GLY A 28 10.07 -1.04 -5.53
CA GLY A 28 10.83 -2.28 -5.39
C GLY A 28 10.89 -2.89 -4.02
N THR A 29 10.07 -2.40 -3.08
CA THR A 29 9.94 -3.01 -1.76
C THR A 29 9.78 -4.52 -1.89
N HIS A 30 9.07 -4.93 -2.94
CA HIS A 30 8.96 -6.32 -3.36
C HIS A 30 9.56 -6.42 -4.74
N GLY A 31 10.57 -7.28 -4.85
CA GLY A 31 11.42 -7.29 -6.02
C GLY A 31 10.68 -7.60 -7.30
N ASN A 32 9.51 -8.19 -7.19
CA ASN A 32 8.82 -8.63 -8.38
C ASN A 32 7.56 -7.84 -8.74
N GLU A 33 7.31 -6.74 -8.03
CA GLU A 33 6.21 -5.85 -8.39
C GLU A 33 6.74 -4.75 -9.23
N MET A 34 6.42 -4.83 -10.53
CA MET A 34 7.22 -4.19 -11.57
C MET A 34 7.04 -2.72 -11.86
N CYS A 35 5.85 -2.17 -11.60
CA CYS A 35 5.66 -0.73 -11.83
C CYS A 35 6.60 0.05 -10.93
N GLY A 36 6.53 -0.26 -9.64
CA GLY A 36 7.43 0.32 -8.67
C GLY A 36 8.87 0.22 -9.14
N VAL A 37 9.33 -1.02 -9.35
CA VAL A 37 10.71 -1.32 -9.74
C VAL A 37 11.19 -0.49 -10.92
N TYR A 38 10.41 -0.47 -11.99
CA TYR A 38 10.94 0.18 -13.17
C TYR A 38 10.83 1.70 -13.09
N LEU A 39 9.87 2.17 -12.31
CA LEU A 39 9.80 3.60 -12.05
C LEU A 39 11.02 4.04 -11.20
N ALA A 40 11.29 3.31 -10.12
CA ALA A 40 12.49 3.59 -9.33
C ALA A 40 13.75 3.68 -10.21
N ARG A 41 14.13 2.57 -10.86
CA ARG A 41 15.28 2.54 -11.77
C ARG A 41 15.30 3.69 -12.75
N TYR A 42 14.13 4.00 -13.30
CA TYR A 42 14.05 5.06 -14.28
C TYR A 42 14.44 6.42 -13.68
N TRP A 43 13.77 6.78 -12.60
CA TRP A 43 14.00 8.05 -11.91
C TRP A 43 15.43 8.22 -11.38
N LEU A 44 16.04 7.14 -10.88
CA LEU A 44 17.43 7.20 -10.48
C LEU A 44 18.27 7.70 -11.65
N GLN A 45 17.83 7.40 -12.87
CA GLN A 45 18.51 7.94 -14.04
C GLN A 45 17.87 9.23 -14.49
N ASN A 46 16.60 9.43 -14.18
CA ASN A 46 15.90 10.57 -14.76
C ASN A 46 15.05 11.35 -13.76
N PRO A 47 15.73 11.98 -12.80
CA PRO A 47 15.12 12.56 -11.59
C PRO A 47 14.34 13.84 -11.87
N GLY A 48 14.26 14.25 -13.13
CA GLY A 48 13.69 15.53 -13.45
C GLY A 48 12.26 15.60 -12.96
N GLU A 49 11.50 14.58 -13.30
CA GLU A 49 10.06 14.64 -13.12
C GLU A 49 9.64 14.56 -11.64
N LEU A 50 10.62 14.38 -10.75
CA LEU A 50 10.35 14.39 -9.32
C LEU A 50 10.64 15.74 -8.64
N GLN A 51 11.14 16.69 -9.44
CA GLN A 51 11.40 18.04 -8.99
C GLN A 51 10.12 18.84 -9.01
N ARG A 52 9.78 19.43 -7.87
CA ARG A 52 8.76 20.49 -7.84
C ARG A 52 9.40 21.77 -7.28
N PRO A 53 8.72 22.91 -7.41
CA PRO A 53 9.29 24.16 -6.92
C PRO A 53 9.74 24.15 -5.45
N SER A 54 8.92 23.59 -4.56
CA SER A 54 9.18 23.73 -3.14
C SER A 54 9.98 22.55 -2.59
N PHE A 55 10.09 21.48 -3.36
CA PHE A 55 10.77 20.29 -2.85
C PHE A 55 11.08 19.36 -3.99
N SER A 56 12.00 18.43 -3.74
CA SER A 56 12.28 17.35 -4.70
C SER A 56 12.17 15.97 -4.05
N ALA A 57 11.47 15.04 -4.69
CA ALA A 57 11.29 13.74 -4.04
C ALA A 57 12.41 12.77 -4.35
N MET A 58 12.99 12.20 -3.32
CA MET A 58 14.08 11.26 -3.48
C MET A 58 13.61 9.88 -3.95
N PRO A 59 14.00 9.46 -5.17
CA PRO A 59 13.63 8.10 -5.65
C PRO A 59 14.52 7.04 -5.04
N VAL A 60 13.93 5.94 -4.62
CA VAL A 60 14.68 4.92 -3.90
C VAL A 60 14.28 3.52 -4.34
N LEU A 61 15.23 2.66 -4.69
CA LEU A 61 14.90 1.25 -4.88
C LEU A 61 15.03 0.49 -3.57
N ALA A 62 13.89 0.34 -2.89
CA ALA A 62 13.78 -0.29 -1.55
C ALA A 62 14.46 -1.64 -1.29
N ASN A 63 14.17 -2.66 -2.10
CA ASN A 63 14.83 -3.96 -1.91
C ASN A 63 15.72 -4.31 -3.07
N PRO A 64 17.01 -3.98 -2.96
CA PRO A 64 17.91 -4.16 -4.11
C PRO A 64 18.08 -5.63 -4.50
N ALA A 65 18.51 -6.45 -3.56
CA ALA A 65 18.76 -7.87 -3.82
C ALA A 65 17.57 -8.61 -4.47
N ALA A 66 16.38 -8.43 -3.88
CA ALA A 66 15.11 -8.98 -4.40
C ALA A 66 14.74 -8.44 -5.80
N THR A 67 14.96 -7.16 -6.01
CA THR A 67 14.61 -6.55 -7.27
C THR A 67 15.38 -7.23 -8.39
N ALA A 68 16.59 -7.67 -8.07
CA ALA A 68 17.50 -8.26 -9.04
C ALA A 68 17.23 -9.75 -9.25
N ALA A 69 16.87 -10.45 -8.17
CA ALA A 69 16.49 -11.84 -8.27
C ALA A 69 15.05 -11.95 -8.74
N CYS A 70 14.42 -10.79 -8.88
CA CYS A 70 13.03 -10.68 -9.29
C CYS A 70 12.08 -11.56 -8.48
N CYS A 71 12.21 -11.49 -7.16
CA CYS A 71 11.27 -12.20 -6.30
C CYS A 71 10.74 -11.24 -5.25
N ARG A 72 9.72 -11.65 -4.51
CA ARG A 72 9.15 -10.76 -3.49
C ARG A 72 10.16 -10.34 -2.39
N TYR A 73 10.81 -11.33 -1.78
CA TYR A 73 11.81 -11.11 -0.73
C TYR A 73 12.81 -12.26 -0.70
N LEU A 74 13.97 -12.02 -0.11
CA LEU A 74 14.98 -13.05 0.01
C LEU A 74 14.79 -13.86 1.30
N ASP A 75 14.78 -13.17 2.45
CA ASP A 75 14.68 -13.88 3.71
C ASP A 75 13.38 -13.59 4.43
N ARG A 76 12.95 -12.35 4.34
CA ARG A 76 11.76 -12.00 5.04
C ARG A 76 11.14 -10.85 4.27
N ASP A 77 9.81 -10.80 4.22
CA ASP A 77 9.11 -9.68 3.60
C ASP A 77 9.66 -8.36 4.13
N LEU A 78 10.21 -7.53 3.25
CA LEU A 78 10.76 -6.26 3.69
C LEU A 78 9.68 -5.40 4.36
N ASN A 79 8.43 -5.60 3.94
CA ASN A 79 7.34 -4.72 4.35
C ASN A 79 6.66 -5.22 5.63
N ARG A 80 7.30 -6.17 6.30
CA ARG A 80 6.83 -6.68 7.59
C ARG A 80 8.00 -6.61 8.55
N SER A 81 9.03 -5.86 8.16
CA SER A 81 10.33 -5.87 8.83
C SER A 81 10.79 -4.53 9.41
N CYS A 82 9.87 -3.59 9.61
CA CYS A 82 10.25 -2.25 10.04
C CYS A 82 9.59 -1.85 11.37
N THR A 83 9.50 -2.82 12.28
CA THR A 83 9.06 -2.57 13.64
C THR A 83 10.23 -2.01 14.42
N LEU A 84 9.99 -1.21 15.45
CA LEU A 84 11.10 -0.65 16.21
C LEU A 84 11.95 -1.73 16.86
N THR A 85 11.34 -2.88 17.15
CA THR A 85 12.08 -4.03 17.65
C THR A 85 13.15 -4.47 16.66
N PHE A 86 12.71 -4.80 15.44
CA PHE A 86 13.61 -5.13 14.35
C PHE A 86 14.65 -4.04 14.13
N LEU A 87 14.17 -2.82 13.93
CA LEU A 87 15.05 -1.68 13.65
C LEU A 87 16.03 -1.41 14.79
N GLY A 88 15.54 -1.55 16.01
CA GLY A 88 16.32 -1.26 17.19
C GLY A 88 17.12 -2.43 17.72
N SER A 89 16.99 -3.61 17.10
CA SER A 89 17.75 -4.80 17.54
C SER A 89 19.23 -4.73 17.20
N THR A 90 20.01 -5.59 17.85
CA THR A 90 21.46 -5.62 17.63
C THR A 90 21.90 -6.60 16.53
N ALA A 91 22.68 -6.08 15.57
CA ALA A 91 23.16 -6.90 14.46
C ALA A 91 23.67 -8.26 14.91
N THR A 92 23.63 -9.23 14.00
CA THR A 92 24.29 -10.51 14.20
C THR A 92 24.87 -10.90 12.85
N PRO A 93 25.42 -12.12 12.73
CA PRO A 93 25.89 -12.49 11.39
C PRO A 93 24.70 -12.64 10.47
N ASP A 94 23.77 -13.49 10.90
CA ASP A 94 22.70 -13.99 10.06
C ASP A 94 21.34 -13.37 10.35
N ASP A 95 21.32 -12.05 10.54
CA ASP A 95 20.07 -11.32 10.45
C ASP A 95 19.59 -11.54 9.03
N PRO A 96 18.26 -11.67 8.85
CA PRO A 96 17.67 -11.75 7.51
C PRO A 96 18.02 -10.52 6.69
N TYR A 97 18.24 -10.74 5.39
CA TYR A 97 18.74 -9.70 4.50
C TYR A 97 17.85 -8.50 4.61
N GLU A 98 16.55 -8.74 4.57
CA GLU A 98 15.58 -7.67 4.62
C GLU A 98 15.57 -6.94 5.96
N VAL A 99 16.05 -7.60 7.01
CA VAL A 99 16.22 -6.90 8.27
C VAL A 99 17.45 -5.97 8.18
N LYS A 100 18.53 -6.49 7.62
CA LYS A 100 19.69 -5.67 7.37
C LYS A 100 19.26 -4.46 6.53
N ARG A 101 18.44 -4.72 5.53
CA ARG A 101 18.06 -3.68 4.60
C ARG A 101 17.07 -2.69 5.24
N ALA A 102 16.17 -3.22 6.06
CA ALA A 102 15.24 -2.37 6.81
C ALA A 102 15.99 -1.32 7.61
N ARG A 103 17.01 -1.75 8.34
CA ARG A 103 17.84 -0.84 9.12
C ARG A 103 18.52 0.23 8.26
N GLU A 104 19.00 -0.14 7.08
CA GLU A 104 19.56 0.85 6.16
C GLU A 104 18.49 1.86 5.74
N LEU A 105 17.25 1.41 5.56
CA LEU A 105 16.14 2.33 5.25
C LEU A 105 15.75 3.21 6.45
N ASN A 106 15.94 2.69 7.65
CA ASN A 106 15.77 3.47 8.86
C ASN A 106 16.80 4.59 8.88
N GLN A 107 18.03 4.25 8.50
CA GLN A 107 19.15 5.18 8.46
C GLN A 107 18.83 6.26 7.49
N LEU A 108 18.24 5.88 6.37
CA LEU A 108 18.03 6.82 5.28
C LEU A 108 16.79 7.68 5.50
N LEU A 109 15.68 7.02 5.83
CA LEU A 109 14.37 7.66 5.89
C LEU A 109 13.87 7.98 7.30
N GLY A 110 14.50 7.36 8.30
CA GLY A 110 14.16 7.57 9.69
C GLY A 110 15.18 8.43 10.41
N PRO A 111 15.57 8.02 11.62
CA PRO A 111 15.04 6.82 12.26
C PRO A 111 13.54 6.92 12.55
N LYS A 112 12.82 5.84 12.30
CA LYS A 112 11.41 5.79 12.61
C LYS A 112 11.21 6.24 14.05
N GLY A 113 10.35 7.24 14.24
CA GLY A 113 9.97 7.70 15.57
C GLY A 113 10.75 8.89 16.08
N THR A 114 11.83 9.24 15.40
CA THR A 114 12.66 10.37 15.78
C THR A 114 12.27 11.58 14.95
N GLY A 115 12.70 12.75 15.40
CA GLY A 115 12.49 13.96 14.62
C GLY A 115 13.25 14.00 13.30
N GLN A 116 14.21 13.07 13.09
CA GLN A 116 15.02 13.11 11.86
C GLN A 116 14.25 12.63 10.63
N ALA A 117 13.22 11.81 10.86
CA ALA A 117 12.62 11.06 9.77
C ALA A 117 12.10 11.96 8.63
N PHE A 118 11.96 11.35 7.46
CA PHE A 118 11.40 12.04 6.30
C PHE A 118 10.02 12.61 6.59
N ASP A 119 9.61 13.55 5.78
CA ASP A 119 8.30 14.08 5.98
C ASP A 119 7.29 13.06 5.47
N PHE A 120 7.56 12.45 4.32
CA PHE A 120 6.59 11.58 3.70
C PHE A 120 7.19 10.51 2.80
N THR A 121 6.67 9.29 2.88
CA THR A 121 7.08 8.27 1.92
C THR A 121 5.90 7.75 1.12
N LEU A 122 6.03 7.83 -0.21
CA LEU A 122 5.07 7.23 -1.12
C LEU A 122 5.66 5.91 -1.55
N ASP A 123 5.00 4.83 -1.19
CA ASP A 123 5.53 3.48 -1.43
C ASP A 123 4.70 2.71 -2.51
N LEU A 124 5.34 2.39 -3.64
CA LEU A 124 4.65 1.83 -4.79
C LEU A 124 4.54 0.31 -4.71
N HIS A 125 3.37 -0.20 -5.09
CA HIS A 125 3.04 -1.62 -5.08
C HIS A 125 2.12 -2.02 -6.20
N ASN A 126 2.27 -3.29 -6.58
CA ASN A 126 1.38 -3.94 -7.51
C ASN A 126 0.72 -5.12 -6.84
N THR A 127 -0.42 -5.53 -7.38
CA THR A 127 -1.13 -6.66 -6.85
C THR A 127 -1.72 -7.53 -7.97
N THR A 128 -1.85 -8.82 -7.70
CA THR A 128 -2.47 -9.74 -8.66
C THR A 128 -3.97 -9.80 -8.47
N ALA A 129 -4.48 -9.23 -7.37
CA ALA A 129 -5.91 -9.01 -7.21
C ALA A 129 -6.39 -7.91 -8.17
N ASN A 130 -7.69 -7.84 -8.43
CA ASN A 130 -8.24 -6.84 -9.34
C ASN A 130 -8.66 -5.55 -8.62
N THR A 131 -7.76 -4.99 -7.83
CA THR A 131 -8.09 -3.84 -7.01
C THR A 131 -8.15 -2.52 -7.79
N GLY A 132 -7.64 -2.51 -9.01
CA GLY A 132 -7.40 -1.23 -9.66
C GLY A 132 -6.55 -0.31 -8.78
N VAL A 133 -6.83 0.98 -8.79
CA VAL A 133 -6.04 1.91 -8.01
C VAL A 133 -6.51 2.00 -6.59
N CYS A 134 -5.61 1.75 -5.65
CA CYS A 134 -5.97 1.72 -4.26
C CYS A 134 -4.85 2.34 -3.45
N LEU A 135 -5.19 3.26 -2.55
CA LEU A 135 -4.22 3.77 -1.60
C LEU A 135 -4.34 3.05 -0.29
N ILE A 136 -3.27 2.43 0.18
CA ILE A 136 -3.34 1.81 1.51
C ILE A 136 -2.73 2.75 2.56
N SER A 137 -3.46 3.02 3.63
CA SER A 137 -3.01 3.97 4.63
C SER A 137 -3.07 3.30 6.00
N GLU A 138 -2.10 3.57 6.87
CA GLU A 138 -2.06 2.86 8.14
C GLU A 138 -2.65 3.65 9.30
N SER A 139 -3.14 4.84 8.99
CA SER A 139 -3.86 5.67 9.95
C SER A 139 -4.82 6.54 9.15
N ASN A 140 -5.66 7.31 9.85
CA ASN A 140 -6.69 8.14 9.18
C ASN A 140 -6.29 9.60 9.11
N ILE A 141 -5.01 9.87 9.21
CA ILE A 141 -4.54 11.22 9.20
C ILE A 141 -5.14 11.94 7.98
N SER A 142 -5.75 13.10 8.23
CA SER A 142 -6.55 13.77 7.21
C SER A 142 -5.75 14.10 5.97
N PHE A 143 -4.45 14.28 6.16
CA PHE A 143 -3.63 14.64 5.02
C PHE A 143 -3.87 13.57 4.00
N ASN A 144 -3.83 12.32 4.46
CA ASN A 144 -3.90 11.18 3.55
C ASN A 144 -5.23 11.00 2.84
N LEU A 145 -6.32 11.37 3.50
CA LEU A 145 -7.63 11.30 2.87
C LEU A 145 -7.84 12.47 1.91
N HIS A 146 -7.35 13.65 2.30
CA HIS A 146 -7.34 14.80 1.39
C HIS A 146 -6.60 14.44 0.08
N LEU A 147 -5.44 13.79 0.23
CA LEU A 147 -4.71 13.25 -0.91
C LEU A 147 -5.53 12.29 -1.82
N CYS A 148 -6.11 11.25 -1.24
CA CYS A 148 -6.92 10.32 -2.02
C CYS A 148 -7.99 11.10 -2.76
N HIS A 149 -8.61 12.00 -2.03
CA HIS A 149 -9.70 12.78 -2.55
C HIS A 149 -9.22 13.65 -3.72
N TYR A 150 -8.00 14.18 -3.60
CA TYR A 150 -7.44 14.95 -4.70
C TYR A 150 -7.28 14.09 -5.95
N LEU A 151 -6.82 12.86 -5.74
CA LEU A 151 -6.70 11.89 -6.83
C LEU A 151 -8.02 11.54 -7.51
N GLN A 152 -9.07 11.32 -6.72
CA GLN A 152 -10.41 11.11 -7.28
C GLN A 152 -10.91 12.27 -8.17
N ARG A 153 -10.75 13.52 -7.70
CA ARG A 153 -11.12 14.72 -8.45
C ARG A 153 -10.33 14.85 -9.78
N GLN A 154 -9.04 14.56 -9.76
CA GLN A 154 -8.20 14.65 -10.94
C GLN A 154 -8.45 13.56 -11.99
N ASN A 155 -9.08 12.48 -11.55
CA ASN A 155 -9.39 11.36 -12.44
C ASN A 155 -10.84 10.92 -12.34
N PRO A 156 -11.72 11.64 -13.05
CA PRO A 156 -13.13 11.31 -13.21
C PRO A 156 -13.32 9.89 -13.73
N GLY A 157 -14.21 9.16 -13.07
CA GLY A 157 -14.66 7.88 -13.58
C GLY A 157 -13.70 6.75 -13.29
N MET A 158 -12.42 7.07 -13.13
CA MET A 158 -11.46 6.11 -12.62
C MET A 158 -11.60 5.98 -11.11
N PRO A 159 -11.98 4.78 -10.64
CA PRO A 159 -12.04 4.60 -9.19
C PRO A 159 -10.65 4.79 -8.58
N CYS A 160 -10.61 5.32 -7.37
CA CYS A 160 -9.38 5.44 -6.64
C CYS A 160 -9.70 5.31 -5.16
N ARG A 161 -9.53 4.13 -4.61
CA ARG A 161 -10.06 3.85 -3.30
C ARG A 161 -9.04 3.83 -2.18
N LEU A 162 -9.53 4.10 -0.96
CA LEU A 162 -8.69 4.14 0.25
C LEU A 162 -8.90 2.92 1.14
N PHE A 163 -7.87 2.11 1.32
CA PHE A 163 -7.97 1.01 2.24
C PHE A 163 -7.34 1.39 3.56
N LEU A 164 -8.12 1.43 4.63
CA LEU A 164 -7.57 1.81 5.92
C LEU A 164 -7.18 0.60 6.74
N TYR A 165 -5.89 0.45 6.98
CA TYR A 165 -5.37 -0.69 7.72
C TYR A 165 -4.60 -0.17 8.94
N GLU A 166 -5.33 0.26 9.97
CA GLU A 166 -4.71 0.67 11.24
C GLU A 166 -4.06 -0.56 11.85
N PRO A 167 -2.96 -0.35 12.60
CA PRO A 167 -2.36 -1.46 13.36
C PRO A 167 -3.19 -1.79 14.61
N ALA A 168 -3.56 -3.06 14.75
CA ALA A 168 -4.30 -3.50 15.92
C ALA A 168 -3.42 -3.31 17.16
N GLY A 169 -2.20 -3.85 17.11
CA GLY A 169 -1.21 -3.64 18.16
C GLY A 169 -0.69 -2.21 18.09
N THR A 170 0.49 -1.99 18.66
CA THR A 170 1.10 -0.67 18.55
C THR A 170 2.24 -0.71 17.52
N GLU A 171 2.80 -1.89 17.34
CA GLU A 171 3.97 -2.07 16.49
C GLU A 171 3.53 -1.95 15.03
N THR A 172 4.15 -1.05 14.26
CA THR A 172 3.95 -0.97 12.80
C THR A 172 5.14 -1.60 12.06
N PHE A 173 4.92 -2.07 10.84
CA PHE A 173 5.86 -2.99 10.18
C PHE A 173 6.37 -2.53 8.82
N SER A 174 5.67 -1.58 8.21
CA SER A 174 5.89 -1.29 6.81
C SER A 174 6.96 -0.24 6.56
N VAL A 175 7.36 -0.13 5.30
CA VAL A 175 8.42 0.77 4.90
C VAL A 175 8.04 2.25 5.03
N GLU A 176 6.79 2.57 4.75
CA GLU A 176 6.32 3.95 4.91
C GLU A 176 6.14 4.30 6.38
N SER A 177 6.08 3.28 7.24
CA SER A 177 5.89 3.54 8.66
C SER A 177 7.12 4.21 9.29
N ILE A 178 8.19 4.33 8.51
CA ILE A 178 9.47 4.80 9.02
C ILE A 178 9.47 6.32 9.04
N SER A 179 8.91 6.92 8.00
CA SER A 179 8.80 8.37 7.89
C SER A 179 7.67 8.91 8.77
N LYS A 180 7.67 10.21 9.00
CA LYS A 180 6.69 10.78 9.92
C LYS A 180 5.30 10.37 9.48
N ASN A 181 5.03 10.49 8.18
CA ASN A 181 3.83 9.97 7.53
C ASN A 181 4.18 9.23 6.22
N GLY A 182 3.22 8.53 5.64
CA GLY A 182 3.42 7.82 4.38
C GLY A 182 2.17 7.12 3.91
N ILE A 183 2.25 6.47 2.74
CA ILE A 183 1.10 5.78 2.15
C ILE A 183 1.56 4.90 1.01
N CYS A 184 0.89 3.77 0.79
CA CYS A 184 1.21 2.90 -0.34
C CYS A 184 0.27 3.18 -1.48
N LEU A 185 0.82 3.27 -2.68
CA LEU A 185 0.02 3.27 -3.88
C LEU A 185 0.06 1.87 -4.48
N ALA A 186 -1.08 1.19 -4.41
CA ALA A 186 -1.21 -0.18 -4.87
C ALA A 186 -2.02 -0.23 -6.16
N MET A 187 -1.56 -1.00 -7.15
CA MET A 187 -2.29 -1.11 -8.39
C MET A 187 -2.29 -2.53 -8.94
N GLY A 188 -3.49 -3.00 -9.26
CA GLY A 188 -3.66 -4.33 -9.81
C GLY A 188 -4.87 -4.36 -10.70
N PRO A 189 -5.02 -5.42 -11.49
CA PRO A 189 -4.17 -6.61 -11.39
C PRO A 189 -2.89 -6.53 -12.22
N GLN A 190 -1.84 -7.17 -11.74
CA GLN A 190 -0.64 -7.38 -12.53
C GLN A 190 0.07 -8.67 -12.06
N PRO A 191 0.45 -9.55 -12.99
CA PRO A 191 1.21 -10.70 -12.48
C PRO A 191 2.57 -10.24 -11.97
N GLN A 192 3.11 -10.91 -10.97
CA GLN A 192 4.45 -10.60 -10.56
C GLN A 192 5.39 -10.89 -11.72
N GLY A 193 6.44 -10.10 -11.87
CA GLY A 193 7.41 -10.30 -12.92
C GLY A 193 6.98 -9.83 -14.29
N VAL A 194 5.81 -9.21 -14.37
CA VAL A 194 5.25 -8.71 -15.62
C VAL A 194 5.04 -7.22 -15.49
N LEU A 195 5.50 -6.47 -16.47
CA LEU A 195 5.28 -5.05 -16.49
C LEU A 195 4.29 -4.71 -17.58
N ARG A 196 3.12 -4.21 -17.17
CA ARG A 196 2.13 -3.77 -18.11
C ARG A 196 2.30 -2.29 -18.42
N ALA A 197 2.38 -1.93 -19.70
CA ALA A 197 2.60 -0.54 -20.08
C ALA A 197 1.49 0.37 -19.54
N ASP A 198 0.23 -0.01 -19.70
CA ASP A 198 -0.86 0.80 -19.18
C ASP A 198 -0.71 1.13 -17.67
N LEU A 199 -0.16 0.20 -16.89
CA LEU A 199 -0.11 0.36 -15.43
C LEU A 199 1.12 1.15 -14.99
N PHE A 200 2.25 0.86 -15.63
CA PHE A 200 3.42 1.69 -15.50
C PHE A 200 3.06 3.15 -15.72
N SER A 201 2.51 3.47 -16.89
CA SER A 201 2.23 4.86 -17.17
C SER A 201 1.14 5.48 -16.27
N ARG A 202 0.13 4.71 -15.90
CA ARG A 202 -0.89 5.24 -15.00
C ARG A 202 -0.34 5.43 -13.59
N MET A 203 0.64 4.62 -13.21
CA MET A 203 1.21 4.78 -11.87
C MET A 203 1.99 6.07 -11.90
N ARG A 204 2.76 6.20 -12.98
CA ARG A 204 3.62 7.33 -13.22
C ARG A 204 2.83 8.65 -13.14
N ALA A 205 1.66 8.65 -13.76
CA ALA A 205 0.83 9.85 -13.78
C ALA A 205 0.31 10.14 -12.38
N LEU A 206 -0.08 9.11 -11.65
CA LEU A 206 -0.67 9.27 -10.34
C LEU A 206 0.37 9.75 -9.36
N VAL A 207 1.57 9.21 -9.50
CA VAL A 207 2.73 9.73 -8.77
C VAL A 207 3.05 11.20 -9.12
N ALA A 208 3.03 11.55 -10.38
CA ALA A 208 3.20 12.94 -10.73
C ALA A 208 2.17 13.73 -9.96
N SER A 209 0.95 13.20 -9.88
CA SER A 209 -0.14 13.94 -9.26
C SER A 209 0.01 14.01 -7.76
N ILE A 210 0.57 12.96 -7.16
CA ILE A 210 0.75 13.01 -5.74
C ILE A 210 1.78 14.06 -5.39
N LEU A 211 2.72 14.30 -6.30
CA LEU A 211 3.75 15.25 -6.03
C LEU A 211 3.18 16.63 -6.21
N ASP A 212 2.37 16.78 -7.27
CA ASP A 212 1.60 18.00 -7.48
C ASP A 212 0.84 18.40 -6.23
N PHE A 213 0.13 17.43 -5.66
CA PHE A 213 -0.62 17.69 -4.44
C PHE A 213 0.27 18.33 -3.40
N ILE A 214 1.38 17.66 -3.06
CA ILE A 214 2.33 18.18 -2.07
C ILE A 214 2.87 19.58 -2.44
N GLU A 215 3.13 19.82 -3.71
CA GLU A 215 3.45 21.18 -4.10
C GLU A 215 2.38 22.16 -3.59
N LEU A 216 1.11 21.91 -3.90
CA LEU A 216 0.07 22.86 -3.52
C LEU A 216 -0.05 22.99 -2.00
N PHE A 217 0.00 21.87 -1.30
CA PHE A 217 -0.01 21.90 0.14
C PHE A 217 1.06 22.82 0.71
N ASN A 218 2.27 22.68 0.17
CA ASN A 218 3.39 23.52 0.54
C ASN A 218 3.18 24.97 0.16
N GLN A 219 2.51 25.18 -0.97
CA GLN A 219 2.21 26.52 -1.46
C GLN A 219 1.21 27.27 -0.58
N GLY A 220 0.59 26.56 0.37
CA GLY A 220 -0.32 27.20 1.32
C GLY A 220 -1.79 27.04 0.96
N MET A 221 -2.07 26.00 0.20
CA MET A 221 -3.43 25.75 -0.27
C MET A 221 -4.39 25.26 0.81
N ASP A 222 -5.59 25.84 0.80
CA ASP A 222 -6.69 25.49 1.72
C ASP A 222 -7.38 24.21 1.32
N LEU A 223 -7.50 23.29 2.25
CA LEU A 223 -8.15 22.03 1.91
C LEU A 223 -9.42 21.86 2.71
N PRO A 224 -10.55 22.29 2.13
CA PRO A 224 -11.88 22.30 2.78
C PRO A 224 -12.26 20.94 3.33
N ALA A 225 -12.78 20.88 4.56
CA ALA A 225 -13.37 19.64 5.08
C ALA A 225 -14.38 19.08 4.10
N PHE A 226 -14.52 17.77 4.12
CA PHE A 226 -15.33 17.07 3.14
C PHE A 226 -15.64 15.65 3.66
N GLU A 227 -16.49 14.93 2.94
CA GLU A 227 -16.82 13.57 3.31
C GLU A 227 -16.51 12.56 2.22
N MET A 228 -16.08 11.38 2.65
CA MET A 228 -15.80 10.33 1.67
C MET A 228 -15.99 8.95 2.26
N ASP A 229 -16.22 7.99 1.36
CA ASP A 229 -16.34 6.59 1.73
C ASP A 229 -14.94 6.00 1.75
N ILE A 230 -14.67 5.13 2.69
CA ILE A 230 -13.39 4.45 2.72
C ILE A 230 -13.62 3.00 3.09
N TYR A 231 -12.55 2.22 3.19
CA TYR A 231 -12.68 0.80 3.43
C TYR A 231 -11.76 0.41 4.54
N ARG A 232 -12.37 0.05 5.66
CA ARG A 232 -11.68 -0.19 6.91
C ARG A 232 -11.52 -1.69 7.12
N ASN A 233 -10.30 -2.12 7.37
CA ASN A 233 -10.04 -3.54 7.53
C ASN A 233 -10.84 -4.14 8.68
N LEU A 234 -11.37 -5.34 8.46
CA LEU A 234 -12.06 -6.14 9.49
C LEU A 234 -11.29 -7.42 9.76
N GLY A 235 -10.19 -7.62 9.04
CA GLY A 235 -9.44 -8.85 9.11
C GLY A 235 -9.62 -9.75 7.89
N SER A 236 -8.93 -10.89 7.90
CA SER A 236 -8.80 -11.72 6.71
C SER A 236 -9.65 -13.00 6.73
N VAL A 237 -9.63 -13.70 5.60
CA VAL A 237 -10.22 -15.03 5.46
C VAL A 237 -9.23 -15.94 4.74
N ASP A 238 -8.92 -17.07 5.36
CA ASP A 238 -7.96 -18.01 4.78
C ASP A 238 -8.56 -18.93 3.72
N PHE A 239 -7.71 -19.63 2.99
CA PHE A 239 -8.18 -20.54 1.98
C PHE A 239 -8.71 -21.75 2.67
N PRO A 240 -9.62 -22.46 2.02
CA PRO A 240 -10.10 -23.75 2.54
C PRO A 240 -8.91 -24.68 2.60
N ARG A 241 -8.60 -25.28 3.74
CA ARG A 241 -7.41 -26.13 3.77
C ARG A 241 -7.58 -27.60 4.18
N THR A 242 -6.71 -28.45 3.64
CA THR A 242 -6.60 -29.84 4.11
C THR A 242 -5.93 -29.81 5.48
N ALA A 243 -6.17 -30.83 6.30
CA ALA A 243 -5.48 -30.88 7.58
C ALA A 243 -3.96 -30.69 7.40
N ASP A 244 -3.43 -31.16 6.27
CA ASP A 244 -2.02 -30.96 5.89
C ASP A 244 -1.57 -29.50 5.80
N GLY A 245 -2.51 -28.55 5.87
CA GLY A 245 -2.21 -27.13 5.66
C GLY A 245 -2.08 -26.79 4.19
N ASP A 246 -2.51 -27.73 3.35
CA ASP A 246 -2.54 -27.58 1.90
C ASP A 246 -3.87 -26.94 1.43
N LEU A 247 -3.87 -26.37 0.23
CA LEU A 247 -5.12 -25.88 -0.31
C LEU A 247 -6.10 -27.02 -0.53
N ALA A 248 -7.38 -26.74 -0.38
CA ALA A 248 -8.40 -27.74 -0.62
C ALA A 248 -9.35 -27.15 -1.64
N GLY A 249 -9.12 -25.89 -1.98
CA GLY A 249 -9.90 -25.23 -3.01
C GLY A 249 -9.35 -23.84 -3.21
N THR A 250 -9.98 -23.07 -4.09
CA THR A 250 -9.57 -21.70 -4.33
C THR A 250 -10.72 -20.70 -4.39
N VAL A 251 -10.37 -19.43 -4.57
CA VAL A 251 -11.36 -18.38 -4.58
C VAL A 251 -12.40 -18.76 -5.61
N HIS A 252 -13.67 -18.63 -5.22
CA HIS A 252 -14.81 -19.02 -6.03
C HIS A 252 -14.93 -18.12 -7.24
N PRO A 253 -15.30 -18.70 -8.39
CA PRO A 253 -15.41 -17.91 -9.62
C PRO A 253 -16.25 -16.63 -9.53
N GLN A 254 -17.22 -16.55 -8.62
CA GLN A 254 -18.06 -15.36 -8.56
C GLN A 254 -17.49 -14.30 -7.64
N LEU A 255 -16.53 -14.69 -6.82
CA LEU A 255 -15.83 -13.72 -6.01
C LEU A 255 -14.57 -13.16 -6.73
N GLN A 256 -13.84 -14.07 -7.36
CA GLN A 256 -12.67 -13.73 -8.15
C GLN A 256 -12.87 -12.45 -8.96
N ASP A 257 -11.99 -11.47 -8.74
CA ASP A 257 -11.92 -10.25 -9.54
C ASP A 257 -12.90 -9.19 -9.06
N HIS A 258 -13.58 -9.43 -7.96
CA HIS A 258 -14.60 -8.51 -7.53
C HIS A 258 -14.26 -7.84 -6.22
N ASP A 259 -13.03 -7.32 -6.14
CA ASP A 259 -12.60 -6.56 -4.97
C ASP A 259 -13.44 -5.32 -4.86
N PHE A 260 -13.81 -5.00 -3.61
CA PHE A 260 -14.45 -3.72 -3.26
C PHE A 260 -15.96 -3.76 -3.44
N GLU A 261 -16.43 -4.78 -4.15
CA GLU A 261 -17.84 -5.07 -4.31
C GLU A 261 -18.34 -5.90 -3.15
N PRO A 262 -19.63 -5.77 -2.82
CA PRO A 262 -20.21 -6.24 -1.55
C PRO A 262 -20.43 -7.74 -1.51
N LEU A 263 -20.13 -8.33 -0.36
CA LEU A 263 -20.28 -9.74 -0.16
C LEU A 263 -21.35 -10.00 0.90
N ARG A 264 -22.58 -10.27 0.49
CA ARG A 264 -23.62 -10.60 1.47
C ARG A 264 -23.33 -11.98 2.04
N PRO A 265 -23.82 -12.28 3.25
CA PRO A 265 -23.68 -13.64 3.77
C PRO A 265 -24.60 -14.61 3.01
N GLY A 266 -24.12 -15.84 2.84
CA GLY A 266 -24.84 -16.81 2.05
C GLY A 266 -24.33 -16.86 0.62
N GLU A 267 -23.49 -15.90 0.25
CA GLU A 267 -22.92 -15.92 -1.08
C GLU A 267 -21.65 -16.78 -1.10
N PRO A 268 -21.34 -17.37 -2.26
CA PRO A 268 -20.18 -18.27 -2.37
C PRO A 268 -18.85 -17.51 -2.39
N ILE A 269 -17.87 -18.06 -1.69
CA ILE A 269 -16.55 -17.46 -1.63
C ILE A 269 -15.44 -18.42 -2.08
N PHE A 270 -15.66 -19.72 -1.94
CA PHE A 270 -14.66 -20.67 -2.38
C PHE A 270 -15.25 -21.77 -3.22
N LYS A 271 -14.41 -22.42 -4.01
CA LYS A 271 -14.81 -23.65 -4.66
C LYS A 271 -13.78 -24.73 -4.40
N LEU A 272 -14.22 -25.80 -3.76
CA LEU A 272 -13.35 -26.90 -3.38
C LEU A 272 -13.01 -27.73 -4.61
N PHE A 273 -11.90 -28.43 -4.52
CA PHE A 273 -11.52 -29.28 -5.62
C PHE A 273 -12.53 -30.42 -5.79
N SER A 274 -13.22 -30.77 -4.71
CA SER A 274 -14.18 -31.85 -4.71
C SER A 274 -15.49 -31.42 -5.35
N GLY A 275 -15.57 -30.16 -5.74
CA GLY A 275 -16.74 -29.63 -6.44
C GLY A 275 -17.72 -28.82 -5.61
N GLU A 276 -17.58 -28.89 -4.30
CA GLU A 276 -18.49 -28.19 -3.39
C GLU A 276 -18.21 -26.68 -3.20
N ASP A 277 -19.23 -25.85 -3.42
CA ASP A 277 -19.20 -24.43 -3.03
C ASP A 277 -19.04 -24.20 -1.52
N VAL A 278 -18.11 -23.32 -1.12
CA VAL A 278 -18.09 -22.88 0.26
C VAL A 278 -18.81 -21.53 0.36
N LEU A 279 -19.46 -21.31 1.49
CA LEU A 279 -20.27 -20.10 1.63
C LEU A 279 -19.77 -19.14 2.70
N TYR A 280 -19.92 -17.85 2.42
CA TYR A 280 -19.65 -16.81 3.41
C TYR A 280 -20.58 -16.90 4.62
N GLU A 281 -19.98 -17.07 5.78
CA GLU A 281 -20.75 -16.99 7.02
C GLU A 281 -20.34 -15.75 7.81
N GLY A 282 -21.27 -14.83 8.00
CA GLY A 282 -20.99 -13.66 8.82
C GLY A 282 -22.19 -12.80 9.15
N ASP A 283 -22.01 -11.89 10.11
CA ASP A 283 -23.07 -10.98 10.54
C ASP A 283 -23.68 -10.16 9.43
N SER A 284 -22.83 -9.49 8.65
CA SER A 284 -23.34 -8.60 7.60
C SER A 284 -22.41 -8.47 6.42
N ILE A 285 -22.94 -7.76 5.43
CA ILE A 285 -22.28 -7.45 4.18
C ILE A 285 -20.91 -6.81 4.34
N VAL A 286 -19.90 -7.39 3.70
CA VAL A 286 -18.57 -6.83 3.74
C VAL A 286 -18.00 -6.61 2.36
N TYR A 287 -16.82 -6.02 2.33
CA TYR A 287 -16.19 -5.62 1.10
C TYR A 287 -14.80 -6.24 1.00
N PRO A 288 -14.71 -7.35 0.24
CA PRO A 288 -13.47 -8.12 0.19
C PRO A 288 -12.48 -7.40 -0.67
N VAL A 289 -11.25 -7.37 -0.19
CA VAL A 289 -10.21 -6.66 -0.88
C VAL A 289 -8.98 -7.53 -0.91
N PHE A 290 -8.21 -7.39 -2.00
CA PHE A 290 -7.04 -8.23 -2.28
C PHE A 290 -7.44 -9.69 -2.37
N ILE A 291 -8.46 -9.94 -3.18
CA ILE A 291 -8.94 -11.28 -3.48
C ILE A 291 -7.91 -12.06 -4.32
N ASN A 292 -7.49 -13.24 -3.84
CA ASN A 292 -6.54 -14.08 -4.56
C ASN A 292 -5.21 -13.42 -5.00
N GLU A 293 -4.51 -12.79 -4.06
CA GLU A 293 -3.17 -12.25 -4.27
C GLU A 293 -2.09 -13.34 -4.10
N ALA A 294 -1.26 -13.51 -5.11
CA ALA A 294 -0.21 -14.54 -5.13
C ALA A 294 0.51 -14.62 -3.78
N ALA A 295 0.88 -13.45 -3.29
CA ALA A 295 1.81 -13.30 -2.19
C ALA A 295 1.16 -13.64 -0.88
N TYR A 296 -0.17 -13.64 -0.83
CA TYR A 296 -0.86 -13.86 0.42
C TYR A 296 -1.19 -15.32 0.68
N TYR A 297 -0.76 -16.21 -0.20
CA TYR A 297 -1.02 -17.62 0.00
C TYR A 297 -0.32 -18.06 1.27
N GLU A 298 0.97 -17.75 1.41
CA GLU A 298 1.73 -18.13 2.63
C GLU A 298 1.28 -17.38 3.87
N LYS A 299 0.83 -16.14 3.72
CA LYS A 299 0.29 -15.38 4.85
C LYS A 299 -1.12 -15.84 5.22
N HIS A 300 -1.52 -16.99 4.68
CA HIS A 300 -2.85 -17.57 4.91
C HIS A 300 -4.03 -16.62 4.73
N VAL A 301 -4.10 -15.99 3.56
CA VAL A 301 -5.06 -14.94 3.30
C VAL A 301 -5.60 -15.03 1.87
N ALA A 302 -6.86 -15.44 1.72
CA ALA A 302 -7.47 -15.55 0.40
C ALA A 302 -7.97 -14.16 0.01
N PHE A 303 -8.43 -13.42 1.01
CA PHE A 303 -8.81 -12.04 0.79
C PHE A 303 -8.94 -11.35 2.12
N LEU A 304 -9.26 -10.06 2.08
CA LEU A 304 -9.39 -9.26 3.30
C LEU A 304 -10.80 -8.71 3.42
N LYS A 305 -11.30 -8.62 4.65
CA LYS A 305 -12.64 -8.10 4.82
C LYS A 305 -12.57 -6.65 5.19
N SER A 306 -13.32 -5.81 4.50
CA SER A 306 -13.36 -4.40 4.89
C SER A 306 -14.81 -3.93 5.10
N GLU A 307 -15.01 -2.93 5.97
CA GLU A 307 -16.30 -2.25 6.03
C GLU A 307 -16.26 -0.89 5.31
N LYS A 308 -17.23 -0.66 4.43
CA LYS A 308 -17.28 0.56 3.64
C LYS A 308 -17.90 1.77 4.39
N ILE A 309 -17.15 2.45 5.25
CA ILE A 309 -17.76 3.55 6.00
C ILE A 309 -17.62 4.91 5.34
N ARG A 310 -18.32 5.90 5.88
CA ARG A 310 -18.28 7.25 5.32
C ARG A 310 -17.79 8.20 6.37
N VAL A 311 -16.57 8.69 6.22
CA VAL A 311 -16.00 9.53 7.25
C VAL A 311 -15.99 11.00 6.88
N THR A 312 -15.84 11.82 7.90
CA THR A 312 -15.72 13.25 7.71
C THR A 312 -14.26 13.63 7.83
N VAL A 313 -13.73 14.31 6.82
CA VAL A 313 -12.35 14.70 6.85
C VAL A 313 -12.23 16.18 7.19
N PRO A 314 -11.53 16.50 8.29
CA PRO A 314 -11.36 17.89 8.71
C PRO A 314 -10.69 18.73 7.63
N ALA A 315 -10.94 20.05 7.65
CA ALA A 315 -10.26 20.92 6.74
C ALA A 315 -8.78 20.94 7.12
N LEU A 316 -7.95 21.27 6.13
CA LEU A 316 -6.54 21.53 6.30
C LEU A 316 -6.29 22.92 5.75
N LEU A 317 -6.24 23.90 6.63
CA LEU A 317 -6.21 25.27 6.15
C LEU A 317 -4.85 25.89 6.39
N ARG A 318 -4.55 26.97 5.69
CA ARG A 318 -3.31 27.71 5.94
C ARG A 318 -3.42 28.37 7.31
N LEU A 319 -4.53 29.08 7.51
CA LEU A 319 -4.80 29.72 8.79
C LEU A 319 -6.11 29.22 9.36
N THR A 320 -6.19 29.09 10.67
CA THR A 320 -7.43 28.71 11.34
C THR A 320 -8.35 29.94 11.28
N PRO A 321 -9.70 29.75 11.22
CA PRO A 321 -10.59 30.93 11.11
C PRO A 321 -11.14 31.49 12.45
#